data_1D3U
#
_entry.id   1D3U
#
_cell.length_a   174.200
_cell.length_b   174.200
_cell.length_c   174.200
_cell.angle_alpha   90.00
_cell.angle_beta   90.00
_cell.angle_gamma   90.00
#
_symmetry.space_group_name_H-M   'I 21 3'
#
loop_
_entity.id
_entity.type
_entity.pdbx_description
1 polymer 'DNA 24-MER: BRE+TATA-BOX'
2 polymer 'DNA 23-MER: BRE+TATA-BOX'
3 polymer 'TATA-BINDING PROTEIN'
4 polymer 'TRANSCRIPTION INITIATION FACTOR IIB'
5 water water
#
loop_
_entity_poly.entity_id
_entity_poly.type
_entity_poly.pdbx_seq_one_letter_code
_entity_poly.pdbx_strand_id
1 'polydeoxyribonucleotide'
;(DA)(DG)(DA)(DG)(DT)(DA)(DA)(DA)(DG)(DT)(DT)(DT)(DA)(DA)(DA)(DT)(DA)(DC)(DT)(DT)
(DA)(DT)(DA)(DT)
;
C
2 'polydeoxyribonucleotide'
;(DT)(DA)(DT)(DA)(DA)(DG)(DT)(DA)(DT)(DT)(DT)(DA)(DA)(DA)(DC)(DT)(DT)(DT)(DA)(DC)
(DT)(DC)(DT)
;
D
3 'polypeptide(L)'
;MVDMSKVKLRIENIVASVDLFAQLDLEKVLDLCPNSKYNPEEFPGIICHLDDPKVALLIFSSGKLVVTGAKSVQDIERAV
AKLAQKLKSIGVKFKRAPQIDVQNMVFSGDIGREFNLDVVALTLPNCEYEPEQFPGVIYRVKEPKSVILLFSSGKIVCSG
AKSEADAWEAVRKLLRELDKY
;
A
4 'polypeptide(L)'
;MVSDAAERNLAFALSELDRITAQLKLPRHVEEEAARLYREAVRKGLIRGRSIESVMAACVYAACRLLKVPRTLDEIADIA
RVDKKEIGRSYRFIARNLNLTPKKLFVKPTDYVNKFADELGLSEKVRRRAIEILDEAYKRGLTSGKSPAGLVAAALYIAS
LLEGEKRTQREVAEVARVTEVTVRNRYKELVEKLKIKVPIA
;
B
#
loop_
_chem_comp.id
_chem_comp.type
_chem_comp.name
_chem_comp.formula
DA DNA linking 2'-DEOXYADENOSINE-5'-MONOPHOSPHATE 'C10 H14 N5 O6 P'
DC DNA linking 2'-DEOXYCYTIDINE-5'-MONOPHOSPHATE 'C9 H14 N3 O7 P'
DG DNA linking 2'-DEOXYGUANOSINE-5'-MONOPHOSPHATE 'C10 H14 N5 O7 P'
DT DNA linking THYMIDINE-5'-MONOPHOSPHATE 'C10 H15 N2 O8 P'
#
# COMPACT_ATOMS: atom_id res chain seq x y z
N MET C 1 -11.61 -28.10 8.05
CA MET C 1 -10.50 -29.06 7.73
C MET C 1 -9.11 -28.43 7.77
N VAL C 2 -9.00 -27.17 7.33
CA VAL C 2 -7.72 -26.45 7.33
C VAL C 2 -7.19 -26.27 8.76
N ASP C 3 -6.11 -26.98 9.10
CA ASP C 3 -5.54 -26.85 10.43
C ASP C 3 -5.14 -25.40 10.71
N MET C 4 -5.80 -24.80 11.69
CA MET C 4 -5.55 -23.43 12.03
C MET C 4 -4.97 -23.38 13.42
N SER C 5 -4.50 -24.51 13.89
CA SER C 5 -4.00 -24.59 15.26
C SER C 5 -2.88 -23.64 15.58
N LYS C 6 -2.20 -23.12 14.57
CA LYS C 6 -1.08 -22.21 14.81
C LYS C 6 -1.39 -20.72 14.63
N VAL C 7 -2.58 -20.42 14.10
CA VAL C 7 -2.94 -19.02 13.85
C VAL C 7 -3.22 -18.28 15.14
N LYS C 8 -2.66 -17.08 15.27
CA LYS C 8 -2.90 -16.27 16.46
C LYS C 8 -2.94 -14.81 16.13
N LEU C 9 -3.60 -14.05 17.01
CA LEU C 9 -3.78 -12.62 16.87
C LEU C 9 -3.50 -11.95 18.18
N ARG C 10 -3.07 -10.68 18.10
CA ARG C 10 -2.77 -9.81 19.24
C ARG C 10 -3.45 -8.49 18.92
N ILE C 11 -4.15 -7.88 19.88
CA ILE C 11 -4.78 -6.57 19.62
C ILE C 11 -3.65 -5.54 19.58
N GLU C 12 -3.72 -4.57 18.69
CA GLU C 12 -2.63 -3.59 18.66
C GLU C 12 -3.10 -2.16 18.83
N ASN C 13 -4.36 -1.92 18.49
CA ASN C 13 -4.86 -0.55 18.56
C ASN C 13 -6.35 -0.61 18.55
N ILE C 14 -7.00 0.19 19.39
CA ILE C 14 -8.46 0.24 19.39
C ILE C 14 -8.85 1.70 19.25
N VAL C 15 -9.86 1.94 18.44
CA VAL C 15 -10.32 3.29 18.17
C VAL C 15 -11.79 3.42 18.55
N ALA C 16 -12.12 4.46 19.32
CA ALA C 16 -13.51 4.68 19.71
C ALA C 16 -13.93 6.13 19.57
N SER C 17 -15.20 6.32 19.21
CA SER C 17 -15.72 7.67 19.14
C SER C 17 -16.57 7.80 20.41
N VAL C 18 -16.48 8.95 21.06
CA VAL C 18 -17.21 9.21 22.29
C VAL C 18 -18.02 10.50 22.22
N ASP C 19 -19.26 10.45 22.67
CA ASP C 19 -20.09 11.66 22.73
C ASP C 19 -20.19 12.05 24.20
N LEU C 20 -19.60 13.17 24.61
CA LEU C 20 -19.69 13.55 26.01
C LEU C 20 -21.05 14.20 26.36
N PHE C 21 -21.73 14.71 25.34
CA PHE C 21 -23.02 15.36 25.50
C PHE C 21 -22.85 16.70 26.22
N ALA C 22 -22.10 17.62 25.62
CA ALA C 22 -21.82 18.93 26.22
C ALA C 22 -20.85 19.72 25.35
N GLN C 23 -21.22 20.95 25.01
CA GLN C 23 -20.35 21.80 24.21
C GLN C 23 -19.06 22.03 24.99
N LEU C 24 -18.02 22.45 24.29
CA LEU C 24 -16.73 22.68 24.96
C LEU C 24 -15.98 23.84 24.34
N ASP C 25 -15.32 24.62 25.20
CA ASP C 25 -14.52 25.74 24.72
C ASP C 25 -13.12 25.15 24.69
N LEU C 26 -12.66 24.80 23.50
CA LEU C 26 -11.36 24.17 23.39
C LEU C 26 -10.18 24.96 23.99
N GLU C 27 -10.24 26.30 24.00
CA GLU C 27 -9.14 27.10 24.58
C GLU C 27 -9.06 26.94 26.11
N LYS C 28 -10.21 26.80 26.74
CA LYS C 28 -10.27 26.66 28.18
C LYS C 28 -9.83 25.24 28.56
N VAL C 29 -10.02 24.30 27.63
CA VAL C 29 -9.68 22.89 27.81
C VAL C 29 -8.18 22.59 27.68
N LEU C 30 -7.51 23.30 26.79
CA LEU C 30 -6.08 23.13 26.57
C LEU C 30 -5.27 22.91 27.84
N ASP C 31 -5.80 23.38 28.95
CA ASP C 31 -5.11 23.25 30.22
C ASP C 31 -5.26 21.87 30.82
N LEU C 32 -6.51 21.38 30.83
CA LEU C 32 -6.81 20.06 31.38
C LEU C 32 -5.85 18.98 30.87
N CYS C 33 -5.26 19.23 29.71
CA CYS C 33 -4.32 18.29 29.13
C CYS C 33 -2.92 18.89 29.02
N PRO C 34 -1.99 18.38 29.84
CA PRO C 34 -0.61 18.89 29.81
C PRO C 34 -0.12 18.80 28.37
N ASN C 35 0.31 17.60 28.00
CA ASN C 35 0.80 17.28 26.67
C ASN C 35 -0.35 17.48 25.69
N SER C 36 -0.39 18.66 25.07
CA SER C 36 -1.47 18.97 24.15
C SER C 36 -0.98 19.78 22.96
N LYS C 37 -1.69 19.68 21.85
CA LYS C 37 -1.35 20.42 20.64
C LYS C 37 -2.63 20.90 19.98
N TYR C 38 -2.69 22.18 19.64
CA TYR C 38 -3.87 22.77 19.02
C TYR C 38 -3.47 23.79 17.95
N ASN C 39 -4.10 23.68 16.78
CA ASN C 39 -3.87 24.55 15.62
C ASN C 39 -5.12 24.44 14.76
N PRO C 40 -6.23 25.10 15.17
CA PRO C 40 -7.47 25.04 14.40
C PRO C 40 -7.23 25.16 12.89
N GLU C 41 -6.15 25.86 12.55
CA GLU C 41 -5.78 26.06 11.16
C GLU C 41 -5.61 24.71 10.47
N GLU C 42 -4.81 23.84 11.07
CA GLU C 42 -4.57 22.51 10.49
C GLU C 42 -5.65 21.49 10.87
N PHE C 43 -5.82 21.24 12.18
CA PHE C 43 -6.84 20.29 12.62
C PHE C 43 -7.73 20.92 13.68
N PRO C 44 -9.06 20.92 13.46
CA PRO C 44 -10.12 21.47 14.31
C PRO C 44 -10.29 20.99 15.76
N GLY C 45 -9.55 19.94 16.14
CA GLY C 45 -9.67 19.44 17.50
C GLY C 45 -8.38 19.50 18.28
N ILE C 46 -8.48 19.26 19.58
CA ILE C 46 -7.29 19.26 20.43
C ILE C 46 -6.69 17.86 20.47
N ILE C 47 -5.40 17.78 20.14
CA ILE C 47 -4.65 16.53 20.14
C ILE C 47 -4.04 16.39 21.54
N CYS C 48 -4.60 15.48 22.32
CA CYS C 48 -4.14 15.27 23.68
C CYS C 48 -3.63 13.85 23.89
N HIS C 49 -2.51 13.72 24.63
CA HIS C 49 -1.91 12.42 24.92
C HIS C 49 -1.91 12.03 26.37
N LEU C 50 -2.84 11.17 26.78
CA LEU C 50 -2.88 10.73 28.17
C LEU C 50 -1.66 9.87 28.46
N ASP C 51 -1.22 9.92 29.71
CA ASP C 51 -0.06 9.17 30.13
C ASP C 51 -0.42 7.83 30.76
N ASP C 52 -1.39 7.83 31.69
CA ASP C 52 -1.74 6.57 32.32
C ASP C 52 -2.20 5.68 31.20
N PRO C 53 -3.50 5.71 30.85
CA PRO C 53 -3.71 4.78 29.74
C PRO C 53 -2.91 5.48 28.64
N LYS C 54 -1.98 4.76 28.04
CA LYS C 54 -1.18 5.33 26.95
C LYS C 54 -2.07 5.50 25.71
N VAL C 55 -3.01 6.46 25.76
CA VAL C 55 -3.93 6.75 24.66
C VAL C 55 -3.87 8.21 24.17
N ALA C 56 -4.18 8.44 22.89
CA ALA C 56 -4.21 9.78 22.34
C ALA C 56 -5.69 10.12 22.25
N LEU C 57 -6.05 11.35 22.63
CA LEU C 57 -7.44 11.78 22.59
C LEU C 57 -7.60 12.97 21.66
N LEU C 58 -8.70 13.04 20.94
CA LEU C 58 -8.94 14.17 20.06
C LEU C 58 -10.22 14.84 20.61
N ILE C 59 -10.09 16.06 21.13
CA ILE C 59 -11.27 16.73 21.69
C ILE C 59 -11.77 17.84 20.80
N PHE C 60 -13.07 17.82 20.54
CA PHE C 60 -13.68 18.81 19.68
C PHE C 60 -14.68 19.68 20.44
N SER C 61 -14.78 20.94 20.03
CA SER C 61 -15.71 21.88 20.64
C SER C 61 -17.11 21.29 20.78
N SER C 62 -17.50 20.41 19.85
CA SER C 62 -18.83 19.79 19.87
C SER C 62 -19.07 18.85 21.04
N GLY C 63 -18.03 18.57 21.81
CA GLY C 63 -18.20 17.67 22.94
C GLY C 63 -17.93 16.22 22.58
N LYS C 64 -17.68 15.95 21.29
CA LYS C 64 -17.37 14.60 20.88
C LYS C 64 -15.86 14.38 20.89
N LEU C 65 -15.45 13.13 21.03
CA LEU C 65 -14.04 12.80 21.04
C LEU C 65 -13.72 11.54 20.25
N VAL C 66 -12.43 11.33 20.07
CA VAL C 66 -11.94 10.12 19.42
C VAL C 66 -10.84 9.67 20.36
N VAL C 67 -10.81 8.37 20.66
CA VAL C 67 -9.76 7.82 21.53
C VAL C 67 -9.10 6.72 20.72
N THR C 68 -7.79 6.83 20.52
CA THR C 68 -7.08 5.82 19.76
C THR C 68 -5.85 5.49 20.53
N GLY C 69 -5.26 4.35 20.20
CA GLY C 69 -4.04 3.90 20.82
C GLY C 69 -4.27 2.84 21.87
N ALA C 70 -5.52 2.70 22.29
CA ALA C 70 -5.93 1.74 23.32
C ALA C 70 -5.66 0.28 22.99
N LYS C 71 -5.35 -0.50 24.02
CA LYS C 71 -5.14 -1.93 23.89
C LYS C 71 -6.33 -2.70 24.49
N SER C 72 -7.32 -1.97 25.01
CA SER C 72 -8.54 -2.58 25.60
C SER C 72 -9.68 -1.57 25.72
N VAL C 73 -10.93 -2.02 25.58
CA VAL C 73 -12.04 -1.10 25.70
C VAL C 73 -11.99 -0.48 27.10
N GLN C 74 -11.42 -1.23 28.04
CA GLN C 74 -11.28 -0.79 29.42
C GLN C 74 -10.40 0.47 29.49
N ASP C 75 -9.23 0.45 28.83
CA ASP C 75 -8.35 1.61 28.81
C ASP C 75 -9.06 2.84 28.25
N ILE C 76 -10.06 2.62 27.40
CA ILE C 76 -10.79 3.72 26.78
C ILE C 76 -11.80 4.29 27.77
N GLU C 77 -12.45 3.38 28.49
CA GLU C 77 -13.44 3.80 29.47
C GLU C 77 -12.74 4.64 30.53
N ARG C 78 -11.53 4.23 30.91
CA ARG C 78 -10.77 4.96 31.90
C ARG C 78 -10.37 6.33 31.38
N ALA C 79 -9.95 6.39 30.13
CA ALA C 79 -9.54 7.65 29.52
C ALA C 79 -10.72 8.62 29.46
N VAL C 80 -11.89 8.13 29.06
CA VAL C 80 -13.07 8.97 28.97
C VAL C 80 -13.43 9.47 30.38
N ALA C 81 -13.06 8.69 31.39
CA ALA C 81 -13.30 9.03 32.79
C ALA C 81 -12.42 10.18 33.24
N LYS C 82 -11.10 9.99 33.22
CA LYS C 82 -10.19 11.05 33.65
C LYS C 82 -10.61 12.35 32.98
N LEU C 83 -10.88 12.30 31.70
CA LEU C 83 -11.28 13.53 31.01
C LEU C 83 -12.58 14.11 31.55
N ALA C 84 -13.64 13.30 31.63
CA ALA C 84 -14.92 13.80 32.15
C ALA C 84 -14.68 14.44 33.51
N GLN C 85 -13.84 13.79 34.32
CA GLN C 85 -13.48 14.30 35.64
C GLN C 85 -12.99 15.74 35.47
N LYS C 86 -11.76 15.88 34.98
CA LYS C 86 -11.13 17.17 34.75
C LYS C 86 -12.07 18.24 34.16
N LEU C 87 -13.09 17.80 33.44
CA LEU C 87 -14.04 18.73 32.85
C LEU C 87 -14.96 19.37 33.89
N LYS C 88 -15.62 18.54 34.70
CA LYS C 88 -16.51 19.08 35.74
C LYS C 88 -15.68 20.00 36.63
N SER C 89 -14.39 19.71 36.70
CA SER C 89 -13.46 20.49 37.51
C SER C 89 -13.15 21.88 36.98
N ILE C 90 -13.86 22.32 35.94
CA ILE C 90 -13.65 23.67 35.44
C ILE C 90 -15.02 24.24 35.04
N GLY C 91 -16.07 23.59 35.54
CA GLY C 91 -17.42 24.06 35.29
C GLY C 91 -18.20 23.48 34.14
N VAL C 92 -18.04 22.18 33.87
CA VAL C 92 -18.78 21.59 32.78
C VAL C 92 -19.82 20.60 33.31
N LYS C 93 -21.02 20.65 32.73
CA LYS C 93 -22.11 19.75 33.15
C LYS C 93 -22.60 18.85 31.99
N PHE C 94 -22.71 17.56 32.27
CA PHE C 94 -23.14 16.62 31.25
C PHE C 94 -24.61 16.17 31.26
N LYS C 95 -25.27 16.33 30.11
CA LYS C 95 -26.67 15.97 29.96
C LYS C 95 -26.93 14.45 30.08
N ARG C 96 -25.88 13.65 29.90
CA ARG C 96 -25.97 12.19 29.98
C ARG C 96 -24.61 11.59 30.34
N ALA C 97 -24.60 10.29 30.63
CA ALA C 97 -23.34 9.60 30.91
C ALA C 97 -22.72 9.40 29.51
N PRO C 98 -21.38 9.52 29.40
CA PRO C 98 -20.64 9.37 28.14
C PRO C 98 -21.06 8.16 27.29
N GLN C 99 -21.25 8.38 25.99
CA GLN C 99 -21.62 7.32 25.07
C GLN C 99 -20.38 6.93 24.27
N ILE C 100 -19.89 5.72 24.51
CA ILE C 100 -18.67 5.22 23.87
C ILE C 100 -18.92 4.17 22.78
N ASP C 101 -18.31 4.39 21.61
CA ASP C 101 -18.45 3.43 20.52
C ASP C 101 -17.09 3.01 19.94
N VAL C 102 -16.82 1.70 19.92
CA VAL C 102 -15.58 1.16 19.37
C VAL C 102 -15.80 1.23 17.86
N GLN C 103 -14.99 2.00 17.16
CA GLN C 103 -15.19 2.12 15.72
C GLN C 103 -14.28 1.23 14.88
N ASN C 104 -13.16 0.82 15.46
CA ASN C 104 -12.19 0.05 14.70
C ASN C 104 -11.12 -0.56 15.59
N MET C 105 -10.66 -1.73 15.20
CA MET C 105 -9.58 -2.38 15.92
C MET C 105 -8.53 -2.84 14.90
N VAL C 106 -7.29 -2.93 15.34
CA VAL C 106 -6.23 -3.38 14.46
C VAL C 106 -5.51 -4.49 15.18
N PHE C 107 -5.38 -5.63 14.52
CA PHE C 107 -4.68 -6.78 15.11
C PHE C 107 -3.47 -7.18 14.26
N SER C 108 -2.44 -7.69 14.92
CA SER C 108 -1.31 -8.23 14.20
C SER C 108 -1.42 -9.70 14.55
N GLY C 109 -0.81 -10.55 13.74
CA GLY C 109 -0.93 -11.96 13.98
C GLY C 109 0.03 -12.72 13.13
N ASP C 110 -0.08 -14.04 13.24
CA ASP C 110 0.82 -14.92 12.52
C ASP C 110 0.06 -16.15 12.07
N ILE C 111 0.20 -16.53 10.80
CA ILE C 111 -0.47 -17.72 10.37
C ILE C 111 0.36 -18.95 10.70
N GLY C 112 1.68 -18.80 10.77
CA GLY C 112 2.49 -19.96 11.12
C GLY C 112 3.14 -20.74 9.98
N ARG C 113 3.09 -20.18 8.78
CA ARG C 113 3.73 -20.77 7.63
C ARG C 113 3.99 -19.61 6.65
N GLU C 114 4.91 -19.80 5.72
CA GLU C 114 5.24 -18.73 4.76
C GLU C 114 4.41 -18.87 3.48
N PHE C 115 4.34 -17.79 2.71
CA PHE C 115 3.61 -17.87 1.46
C PHE C 115 4.35 -17.21 0.33
N ASN C 116 4.12 -17.75 -0.89
CA ASN C 116 4.66 -17.15 -2.09
C ASN C 116 3.50 -16.22 -2.54
N LEU C 117 3.65 -14.94 -2.30
CA LEU C 117 2.60 -13.99 -2.65
C LEU C 117 2.19 -13.96 -4.13
N ASP C 118 3.10 -14.20 -5.06
CA ASP C 118 2.70 -14.24 -6.47
C ASP C 118 1.67 -15.37 -6.66
N VAL C 119 1.93 -16.53 -6.07
CA VAL C 119 0.98 -17.66 -6.21
C VAL C 119 -0.30 -17.32 -5.45
N VAL C 120 -0.20 -16.80 -4.23
CA VAL C 120 -1.43 -16.46 -3.54
C VAL C 120 -2.33 -15.49 -4.31
N ALA C 121 -1.74 -14.46 -4.90
CA ALA C 121 -2.49 -13.44 -5.63
C ALA C 121 -3.11 -13.94 -6.92
N LEU C 122 -2.70 -15.10 -7.39
CA LEU C 122 -3.24 -15.69 -8.60
C LEU C 122 -4.70 -16.14 -8.43
N THR C 123 -5.03 -16.70 -7.27
CA THR C 123 -6.40 -17.20 -7.00
C THR C 123 -7.15 -16.58 -5.82
N LEU C 124 -6.45 -15.89 -4.93
CA LEU C 124 -7.16 -15.29 -3.81
C LEU C 124 -8.10 -14.20 -4.34
N PRO C 125 -9.40 -14.32 -4.08
CA PRO C 125 -10.32 -13.28 -4.58
C PRO C 125 -10.24 -12.02 -3.70
N ASN C 126 -10.69 -10.89 -4.24
CA ASN C 126 -10.69 -9.63 -3.48
C ASN C 126 -9.29 -9.23 -2.94
N CYS C 127 -8.25 -9.49 -3.74
CA CYS C 127 -6.94 -9.12 -3.30
C CYS C 127 -6.13 -8.29 -4.29
N GLU C 128 -5.13 -7.63 -3.73
CA GLU C 128 -4.20 -6.84 -4.52
C GLU C 128 -2.83 -7.23 -4.04
N TYR C 129 -1.88 -7.19 -4.94
CA TYR C 129 -0.50 -7.48 -4.58
C TYR C 129 0.31 -6.64 -5.51
N GLU C 130 0.95 -5.62 -4.96
CA GLU C 130 1.80 -4.74 -5.77
C GLU C 130 3.12 -4.47 -5.03
N PRO C 131 4.06 -5.44 -5.08
CA PRO C 131 5.39 -5.40 -4.44
C PRO C 131 6.30 -4.24 -4.75
N GLU C 132 5.95 -3.49 -5.78
CA GLU C 132 6.72 -2.30 -6.15
C GLU C 132 6.25 -1.15 -5.29
N GLN C 133 5.12 -1.33 -4.60
CA GLN C 133 4.57 -0.27 -3.74
C GLN C 133 4.43 -0.66 -2.29
N PHE C 134 4.13 -1.94 -2.06
CA PHE C 134 3.92 -2.44 -0.70
C PHE C 134 4.18 -3.95 -0.74
N PRO C 135 4.79 -4.49 0.30
CA PRO C 135 5.14 -5.91 0.41
C PRO C 135 4.09 -6.95 0.67
N GLY C 136 2.93 -6.54 1.20
CA GLY C 136 1.94 -7.55 1.49
C GLY C 136 0.76 -7.62 0.55
N VAL C 137 0.07 -8.75 0.57
CA VAL C 137 -1.14 -8.89 -0.22
C VAL C 137 -2.21 -8.17 0.60
N ILE C 138 -3.08 -7.43 -0.08
CA ILE C 138 -4.18 -6.69 0.57
C ILE C 138 -5.48 -7.43 0.26
N TYR C 139 -6.05 -8.04 1.29
CA TYR C 139 -7.26 -8.86 1.17
C TYR C 139 -8.46 -8.16 1.79
N ARG C 140 -9.46 -7.89 0.97
CA ARG C 140 -10.66 -7.19 1.43
C ARG C 140 -11.87 -8.09 1.64
N VAL C 141 -12.33 -8.14 2.88
CA VAL C 141 -13.47 -8.95 3.31
C VAL C 141 -14.73 -8.07 3.44
N LYS C 142 -15.81 -8.46 2.77
CA LYS C 142 -17.04 -7.68 2.82
C LYS C 142 -17.73 -7.80 4.17
N GLU C 143 -17.71 -9.01 4.74
CA GLU C 143 -18.38 -9.20 6.02
C GLU C 143 -17.74 -10.25 6.94
N PRO C 144 -17.32 -9.83 8.15
CA PRO C 144 -17.43 -8.44 8.62
C PRO C 144 -16.47 -7.56 7.80
N LYS C 145 -16.90 -6.34 7.45
CA LYS C 145 -16.08 -5.46 6.63
C LYS C 145 -14.71 -5.20 7.23
N SER C 146 -13.67 -5.73 6.60
CA SER C 146 -12.31 -5.53 7.10
C SER C 146 -11.27 -5.78 6.01
N VAL C 147 -10.02 -5.52 6.36
CA VAL C 147 -8.92 -5.69 5.46
C VAL C 147 -7.82 -6.45 6.14
N ILE C 148 -7.26 -7.44 5.46
CA ILE C 148 -6.18 -8.18 6.04
C ILE C 148 -4.93 -8.01 5.15
N LEU C 149 -3.79 -7.67 5.74
CA LEU C 149 -2.55 -7.55 5.00
C LEU C 149 -1.79 -8.85 5.31
N LEU C 150 -1.44 -9.61 4.26
CA LEU C 150 -0.75 -10.88 4.39
C LEU C 150 0.66 -10.74 3.82
N PHE C 151 1.66 -11.07 4.62
CA PHE C 151 3.06 -10.96 4.23
C PHE C 151 3.66 -12.32 3.93
N SER C 152 4.79 -12.32 3.23
CA SER C 152 5.40 -13.60 2.86
C SER C 152 5.82 -14.46 4.05
N SER C 153 6.11 -13.82 5.18
CA SER C 153 6.51 -14.51 6.37
C SER C 153 5.33 -15.21 7.01
N GLY C 154 4.12 -14.92 6.54
CA GLY C 154 3.00 -15.57 7.17
C GLY C 154 2.41 -14.67 8.23
N LYS C 155 3.04 -13.53 8.52
CA LYS C 155 2.47 -12.59 9.48
C LYS C 155 1.30 -11.86 8.81
N ILE C 156 0.37 -11.33 9.61
CA ILE C 156 -0.78 -10.65 9.07
C ILE C 156 -1.12 -9.47 9.95
N VAL C 157 -1.87 -8.53 9.37
CA VAL C 157 -2.40 -7.37 10.05
C VAL C 157 -3.88 -7.31 9.62
N CYS C 158 -4.79 -7.28 10.59
CA CYS C 158 -6.21 -7.18 10.29
C CYS C 158 -6.73 -5.88 10.87
N SER C 159 -7.36 -5.09 9.99
CA SER C 159 -7.90 -3.78 10.37
C SER C 159 -9.38 -3.63 9.97
N GLY C 160 -10.10 -2.75 10.69
CA GLY C 160 -11.49 -2.48 10.40
C GLY C 160 -12.55 -3.28 11.15
N ALA C 161 -12.18 -4.40 11.76
CA ALA C 161 -13.20 -5.13 12.52
C ALA C 161 -13.49 -4.34 13.82
N LYS C 162 -14.68 -4.54 14.38
CA LYS C 162 -15.05 -3.85 15.62
C LYS C 162 -14.92 -4.74 16.84
N SER C 163 -14.35 -5.93 16.67
CA SER C 163 -14.13 -6.82 17.79
C SER C 163 -13.21 -7.92 17.36
N GLU C 164 -12.57 -8.58 18.31
CA GLU C 164 -11.68 -9.70 18.05
C GLU C 164 -12.48 -10.86 17.48
N ALA C 165 -13.71 -11.00 17.96
CA ALA C 165 -14.58 -12.07 17.50
C ALA C 165 -14.80 -11.91 15.99
N ASP C 166 -15.03 -10.67 15.55
CA ASP C 166 -15.22 -10.42 14.11
C ASP C 166 -13.88 -10.58 13.31
N ALA C 167 -12.78 -10.07 13.86
CA ALA C 167 -11.48 -10.20 13.17
C ALA C 167 -11.20 -11.67 12.89
N TRP C 168 -11.48 -12.53 13.87
CA TRP C 168 -11.26 -13.97 13.69
C TRP C 168 -12.20 -14.52 12.60
N GLU C 169 -13.39 -13.93 12.44
CA GLU C 169 -14.25 -14.39 11.34
C GLU C 169 -13.46 -14.04 10.03
N ALA C 170 -12.98 -12.79 9.90
CA ALA C 170 -12.21 -12.37 8.70
C ALA C 170 -11.02 -13.30 8.44
N VAL C 171 -10.27 -13.62 9.48
CA VAL C 171 -9.11 -14.48 9.30
C VAL C 171 -9.51 -15.90 8.86
N ARG C 172 -10.58 -16.43 9.45
CA ARG C 172 -11.12 -17.77 9.11
C ARG C 172 -11.49 -17.78 7.61
N LYS C 173 -12.13 -16.73 7.12
CA LYS C 173 -12.44 -16.63 5.67
C LYS C 173 -11.13 -16.69 4.84
N LEU C 174 -10.14 -15.87 5.24
CA LEU C 174 -8.85 -15.85 4.51
C LEU C 174 -8.24 -17.24 4.46
N LEU C 175 -8.17 -17.89 5.62
CA LEU C 175 -7.62 -19.25 5.76
C LEU C 175 -8.37 -20.18 4.83
N ARG C 176 -9.70 -20.09 4.79
CA ARG C 176 -10.45 -20.96 3.89
C ARG C 176 -10.12 -20.73 2.43
N GLU C 177 -9.90 -19.49 2.03
CA GLU C 177 -9.57 -19.23 0.62
C GLU C 177 -8.15 -19.68 0.29
N LEU C 178 -7.25 -19.49 1.24
CA LEU C 178 -5.84 -19.88 1.03
C LEU C 178 -5.76 -21.38 0.81
N ASP C 179 -6.81 -22.11 1.22
CA ASP C 179 -6.88 -23.56 1.07
C ASP C 179 -7.44 -24.12 -0.26
N LYS C 180 -8.01 -23.28 -1.12
CA LYS C 180 -8.55 -23.81 -2.36
C LYS C 180 -7.38 -24.13 -3.22
N TYR C 181 -7.56 -25.01 -4.20
CA TYR C 181 -6.47 -25.37 -5.12
C TYR C 181 -7.03 -25.93 -6.43
N MET D 1 -20.87 24.69 -24.20
CA MET D 1 -22.30 24.23 -24.16
C MET D 1 -22.81 23.71 -25.51
N VAL D 2 -21.89 23.14 -26.28
CA VAL D 2 -22.18 22.45 -27.54
C VAL D 2 -21.35 21.21 -27.31
N SER D 3 -20.63 21.28 -26.21
CA SER D 3 -19.76 20.24 -25.69
C SER D 3 -20.05 20.31 -24.17
N ASP D 4 -20.42 19.17 -23.61
CA ASP D 4 -20.73 19.02 -22.18
C ASP D 4 -19.42 19.32 -21.43
N ALA D 5 -19.49 19.40 -20.11
CA ALA D 5 -18.29 19.60 -19.30
C ALA D 5 -17.49 18.29 -19.32
N ALA D 6 -18.18 17.18 -19.60
CA ALA D 6 -17.55 15.86 -19.64
C ALA D 6 -16.60 15.82 -20.83
N GLU D 7 -17.11 16.28 -21.96
CA GLU D 7 -16.37 16.33 -23.19
C GLU D 7 -15.09 17.19 -23.10
N ARG D 8 -15.17 18.33 -22.43
CA ARG D 8 -14.02 19.21 -22.31
C ARG D 8 -12.99 18.58 -21.38
N ASN D 9 -13.47 17.92 -20.34
CA ASN D 9 -12.55 17.24 -19.43
C ASN D 9 -11.90 16.01 -20.12
N LEU D 10 -12.65 15.35 -21.00
CA LEU D 10 -12.06 14.23 -21.72
C LEU D 10 -10.99 14.78 -22.71
N ALA D 11 -11.27 15.94 -23.34
CA ALA D 11 -10.27 16.49 -24.28
C ALA D 11 -9.00 16.84 -23.53
N PHE D 12 -9.16 17.42 -22.35
CA PHE D 12 -7.99 17.75 -21.56
C PHE D 12 -7.20 16.45 -21.18
N ALA D 13 -7.94 15.40 -20.79
CA ALA D 13 -7.31 14.15 -20.42
C ALA D 13 -6.60 13.49 -21.61
N LEU D 14 -7.20 13.59 -22.80
CA LEU D 14 -6.60 13.02 -24.00
C LEU D 14 -5.32 13.79 -24.41
N SER D 15 -5.29 15.09 -24.16
CA SER D 15 -4.09 15.90 -24.46
C SER D 15 -2.98 15.47 -23.51
N GLU D 16 -3.35 15.24 -22.26
CA GLU D 16 -2.37 14.78 -21.27
C GLU D 16 -1.85 13.38 -21.67
N LEU D 17 -2.73 12.51 -22.15
CA LEU D 17 -2.32 11.18 -22.58
C LEU D 17 -1.39 11.31 -23.81
N ASP D 18 -1.76 12.17 -24.74
CA ASP D 18 -0.91 12.37 -25.90
C ASP D 18 0.47 12.91 -25.48
N ARG D 19 0.51 13.83 -24.52
CA ARG D 19 1.78 14.36 -24.06
C ARG D 19 2.68 13.27 -23.41
N ILE D 20 2.08 12.43 -22.58
CA ILE D 20 2.81 11.34 -21.94
C ILE D 20 3.34 10.29 -22.95
N THR D 21 2.53 9.89 -23.92
CA THR D 21 2.95 8.84 -24.86
C THR D 21 4.04 9.32 -25.82
N ALA D 22 3.93 10.58 -26.26
CA ALA D 22 4.96 11.14 -27.12
C ALA D 22 6.26 11.16 -26.27
N GLN D 23 6.18 11.72 -25.08
CA GLN D 23 7.36 11.78 -24.21
C GLN D 23 7.96 10.39 -23.87
N LEU D 24 7.14 9.41 -23.54
CA LEU D 24 7.71 8.09 -23.25
C LEU D 24 7.90 7.22 -24.51
N LYS D 25 7.57 7.74 -25.71
CA LYS D 25 7.69 6.93 -26.92
C LYS D 25 6.92 5.60 -26.78
N LEU D 26 5.71 5.68 -26.25
CA LEU D 26 4.87 4.49 -26.10
C LEU D 26 4.13 4.21 -27.42
N PRO D 27 4.06 2.92 -27.80
CA PRO D 27 3.40 2.44 -29.03
C PRO D 27 1.88 2.76 -29.02
N ARG D 28 1.31 2.92 -30.21
CA ARG D 28 -0.11 3.20 -30.37
C ARG D 28 -1.04 2.28 -29.54
N HIS D 29 -0.77 0.98 -29.54
CA HIS D 29 -1.66 0.05 -28.84
C HIS D 29 -1.68 0.29 -27.35
N VAL D 30 -0.59 0.82 -26.82
CA VAL D 30 -0.54 1.14 -25.41
C VAL D 30 -1.37 2.40 -25.14
N GLU D 31 -1.17 3.42 -25.97
CA GLU D 31 -1.89 4.68 -25.84
C GLU D 31 -3.41 4.41 -25.94
N GLU D 32 -3.80 3.61 -26.90
CA GLU D 32 -5.19 3.25 -27.08
C GLU D 32 -5.76 2.53 -25.85
N GLU D 33 -5.01 1.58 -25.31
CA GLU D 33 -5.45 0.89 -24.10
C GLU D 33 -5.56 1.89 -22.90
N ALA D 34 -4.62 2.82 -22.78
CA ALA D 34 -4.71 3.80 -21.69
C ALA D 34 -6.00 4.61 -21.84
N ALA D 35 -6.33 5.00 -23.07
CA ALA D 35 -7.53 5.78 -23.35
C ALA D 35 -8.81 4.95 -23.03
N ARG D 36 -8.80 3.68 -23.36
CA ARG D 36 -9.94 2.83 -23.11
C ARG D 36 -10.15 2.68 -21.59
N LEU D 37 -9.07 2.52 -20.83
CA LEU D 37 -9.20 2.37 -19.40
C LEU D 37 -9.73 3.67 -18.81
N TYR D 38 -9.16 4.79 -19.28
CA TYR D 38 -9.58 6.08 -18.79
C TYR D 38 -11.08 6.29 -19.00
N ARG D 39 -11.59 5.95 -20.17
CA ARG D 39 -13.01 6.11 -20.42
C ARG D 39 -13.81 5.20 -19.50
N GLU D 40 -13.24 4.07 -19.09
CA GLU D 40 -13.98 3.16 -18.23
C GLU D 40 -14.03 3.74 -16.84
N ALA D 41 -12.94 4.37 -16.43
CA ALA D 41 -12.87 4.97 -15.11
C ALA D 41 -13.91 6.09 -15.05
N VAL D 42 -14.04 6.83 -16.15
CA VAL D 42 -15.00 7.92 -16.21
C VAL D 42 -16.43 7.35 -16.10
N ARG D 43 -16.70 6.30 -16.87
CA ARG D 43 -18.02 5.68 -16.87
C ARG D 43 -18.45 5.16 -15.50
N LYS D 44 -17.47 4.73 -14.71
CA LYS D 44 -17.76 4.20 -13.41
C LYS D 44 -17.63 5.26 -12.36
N GLY D 45 -17.46 6.51 -12.78
CA GLY D 45 -17.36 7.58 -11.82
C GLY D 45 -16.15 7.46 -10.91
N LEU D 46 -15.05 6.91 -11.43
CA LEU D 46 -13.87 6.75 -10.61
C LEU D 46 -12.96 7.97 -10.54
N ILE D 47 -13.25 9.01 -11.32
CA ILE D 47 -12.42 10.22 -11.28
C ILE D 47 -12.71 11.09 -10.05
N ARG D 48 -13.97 11.12 -9.63
CA ARG D 48 -14.35 11.91 -8.46
C ARG D 48 -13.38 11.69 -7.31
N GLY D 49 -12.76 12.78 -6.85
CA GLY D 49 -11.84 12.65 -5.75
C GLY D 49 -10.38 12.81 -6.12
N ARG D 50 -10.02 12.46 -7.35
CA ARG D 50 -8.62 12.61 -7.74
C ARG D 50 -8.42 13.39 -9.03
N SER D 51 -7.20 13.80 -9.26
CA SER D 51 -6.92 14.59 -10.43
C SER D 51 -6.91 13.78 -11.69
N ILE D 52 -7.36 14.41 -12.78
CA ILE D 52 -7.36 13.77 -14.12
C ILE D 52 -5.91 13.41 -14.50
N GLU D 53 -4.94 14.23 -14.08
CA GLU D 53 -3.54 14.00 -14.35
C GLU D 53 -3.15 12.72 -13.68
N SER D 54 -3.62 12.57 -12.46
CA SER D 54 -3.34 11.42 -11.63
C SER D 54 -3.89 10.17 -12.27
N VAL D 55 -5.14 10.21 -12.66
CA VAL D 55 -5.78 9.04 -13.24
C VAL D 55 -5.24 8.65 -14.61
N MET D 56 -4.94 9.62 -15.46
CA MET D 56 -4.44 9.30 -16.81
C MET D 56 -3.04 8.71 -16.71
N ALA D 57 -2.25 9.25 -15.80
CA ALA D 57 -0.92 8.72 -15.59
C ALA D 57 -1.07 7.25 -15.11
N ALA D 58 -2.05 6.95 -14.26
CA ALA D 58 -2.22 5.58 -13.76
C ALA D 58 -2.74 4.66 -14.87
N CYS D 59 -3.57 5.21 -15.74
CA CYS D 59 -4.08 4.39 -16.84
C CYS D 59 -2.95 4.01 -17.83
N VAL D 60 -1.94 4.88 -17.96
CA VAL D 60 -0.84 4.59 -18.86
C VAL D 60 0.01 3.50 -18.22
N TYR D 61 0.22 3.61 -16.92
CA TYR D 61 1.00 2.56 -16.23
C TYR D 61 0.23 1.24 -16.28
N ALA D 62 -1.08 1.29 -15.97
CA ALA D 62 -1.90 0.06 -16.00
C ALA D 62 -1.89 -0.53 -17.40
N ALA D 63 -1.94 0.32 -18.42
CA ALA D 63 -1.90 -0.21 -19.81
C ALA D 63 -0.56 -0.92 -20.07
N CYS D 64 0.56 -0.33 -19.61
CA CYS D 64 1.88 -0.99 -19.81
C CYS D 64 1.92 -2.34 -19.12
N ARG D 65 1.40 -2.42 -17.87
CA ARG D 65 1.36 -3.67 -17.12
C ARG D 65 0.44 -4.71 -17.83
N LEU D 66 -0.71 -4.29 -18.36
CA LEU D 66 -1.61 -5.23 -19.04
C LEU D 66 -1.02 -5.75 -20.34
N LEU D 67 -0.28 -4.88 -21.05
CA LEU D 67 0.25 -5.30 -22.34
C LEU D 67 1.69 -5.81 -22.33
N LYS D 68 2.24 -5.96 -21.13
CA LYS D 68 3.62 -6.41 -20.93
C LYS D 68 4.66 -5.47 -21.57
N VAL D 69 4.50 -4.17 -21.38
CA VAL D 69 5.47 -3.19 -21.88
C VAL D 69 6.17 -2.81 -20.56
N PRO D 70 7.40 -3.29 -20.38
CA PRO D 70 8.21 -3.06 -19.18
C PRO D 70 8.67 -1.65 -18.76
N ARG D 71 7.75 -0.70 -18.69
CA ARG D 71 8.10 0.63 -18.20
C ARG D 71 7.98 0.62 -16.66
N THR D 72 8.77 1.46 -16.00
CA THR D 72 8.73 1.55 -14.54
C THR D 72 7.77 2.69 -14.21
N LEU D 73 7.18 2.67 -13.02
CA LEU D 73 6.28 3.75 -12.64
C LEU D 73 7.01 5.09 -12.64
N ASP D 74 8.26 5.07 -12.19
CA ASP D 74 9.01 6.29 -12.11
C ASP D 74 9.17 7.01 -13.46
N GLU D 75 9.27 6.26 -14.57
CA GLU D 75 9.44 6.95 -15.88
C GLU D 75 8.23 7.84 -16.08
N ILE D 76 7.07 7.31 -15.72
CA ILE D 76 5.84 8.08 -15.86
C ILE D 76 5.82 9.23 -14.87
N ALA D 77 6.19 8.96 -13.62
CA ALA D 77 6.16 10.00 -12.60
C ALA D 77 7.06 11.14 -13.05
N ASP D 78 8.21 10.83 -13.64
CA ASP D 78 9.13 11.87 -14.11
C ASP D 78 8.49 12.93 -14.98
N ILE D 79 7.54 12.57 -15.84
CA ILE D 79 6.92 13.55 -16.73
C ILE D 79 5.46 13.88 -16.40
N ALA D 80 4.88 13.09 -15.50
CA ALA D 80 3.51 13.32 -15.08
C ALA D 80 3.55 14.59 -14.26
N ARG D 81 2.41 15.25 -14.16
CA ARG D 81 2.38 16.48 -13.40
C ARG D 81 2.21 16.27 -11.88
N VAL D 82 2.09 15.01 -11.45
CA VAL D 82 1.93 14.66 -10.03
C VAL D 82 2.99 13.67 -9.54
N ASP D 83 3.05 13.49 -8.21
CA ASP D 83 4.02 12.61 -7.57
C ASP D 83 3.67 11.11 -7.55
N LYS D 84 4.68 10.32 -7.25
CA LYS D 84 4.59 8.88 -7.22
C LYS D 84 3.52 8.42 -6.25
N LYS D 85 3.51 9.03 -5.07
CA LYS D 85 2.52 8.69 -4.05
C LYS D 85 1.08 8.79 -4.63
N GLU D 86 0.77 9.94 -5.21
CA GLU D 86 -0.54 10.19 -5.79
C GLU D 86 -0.82 9.29 -7.01
N ILE D 87 0.13 9.10 -7.91
CA ILE D 87 -0.15 8.20 -9.04
C ILE D 87 -0.37 6.76 -8.55
N GLY D 88 0.38 6.38 -7.51
CA GLY D 88 0.24 5.04 -6.94
C GLY D 88 -1.14 4.84 -6.34
N ARG D 89 -1.67 5.84 -5.64
CA ARG D 89 -3.02 5.68 -5.06
C ARG D 89 -4.07 5.59 -6.18
N SER D 90 -3.99 6.47 -7.17
CA SER D 90 -4.96 6.43 -8.27
C SER D 90 -4.85 5.12 -9.01
N TYR D 91 -3.63 4.67 -9.25
CA TYR D 91 -3.44 3.41 -9.94
C TYR D 91 -4.02 2.17 -9.19
N ARG D 92 -3.73 2.05 -7.89
CA ARG D 92 -4.27 0.89 -7.17
C ARG D 92 -5.79 1.03 -7.14
N PHE D 93 -6.25 2.27 -6.94
CA PHE D 93 -7.68 2.49 -6.91
C PHE D 93 -8.41 2.11 -8.20
N ILE D 94 -7.97 2.60 -9.36
CA ILE D 94 -8.68 2.21 -10.58
C ILE D 94 -8.44 0.74 -10.98
N ALA D 95 -7.28 0.17 -10.62
CA ALA D 95 -7.07 -1.26 -10.94
C ALA D 95 -8.09 -2.10 -10.17
N ARG D 96 -8.20 -1.86 -8.87
CA ARG D 96 -9.15 -2.57 -8.03
C ARG D 96 -10.53 -2.53 -8.66
N ASN D 97 -10.98 -1.31 -8.96
CA ASN D 97 -12.30 -1.05 -9.53
C ASN D 97 -12.59 -1.45 -10.96
N LEU D 98 -11.55 -1.65 -11.78
CA LEU D 98 -11.79 -2.05 -13.15
C LEU D 98 -11.49 -3.52 -13.28
N ASN D 99 -11.30 -4.17 -12.13
CA ASN D 99 -11.06 -5.59 -12.14
C ASN D 99 -9.74 -5.99 -12.81
N LEU D 100 -8.72 -5.18 -12.61
CA LEU D 100 -7.40 -5.51 -13.15
C LEU D 100 -6.76 -6.25 -11.97
N THR D 101 -6.79 -7.56 -12.05
CA THR D 101 -6.27 -8.43 -11.00
C THR D 101 -4.75 -8.59 -11.06
N PRO D 102 -4.16 -9.13 -9.99
CA PRO D 102 -2.71 -9.33 -9.96
C PRO D 102 -2.25 -10.15 -11.20
N LYS D 103 -3.05 -11.11 -11.61
CA LYS D 103 -2.72 -11.96 -12.73
C LYS D 103 -2.71 -11.18 -14.04
N LYS D 104 -3.72 -10.35 -14.25
CA LYS D 104 -3.80 -9.61 -15.49
C LYS D 104 -2.69 -8.59 -15.59
N LEU D 105 -2.24 -8.05 -14.45
CA LEU D 105 -1.22 -7.01 -14.42
C LEU D 105 0.24 -7.49 -14.32
N PHE D 106 0.42 -8.79 -14.15
CA PHE D 106 1.73 -9.36 -13.96
C PHE D 106 2.64 -9.32 -15.19
N VAL D 107 3.86 -8.86 -14.96
CA VAL D 107 4.88 -8.79 -16.00
C VAL D 107 6.08 -9.58 -15.49
N LYS D 108 6.48 -10.60 -16.23
CA LYS D 108 7.59 -11.44 -15.82
C LYS D 108 8.90 -10.66 -15.63
N PRO D 109 9.74 -11.08 -14.68
CA PRO D 109 11.03 -10.45 -14.41
C PRO D 109 11.82 -10.43 -15.73
N THR D 110 11.85 -11.56 -16.44
CA THR D 110 12.55 -11.67 -17.73
C THR D 110 12.35 -10.46 -18.64
N ASP D 111 11.12 -9.98 -18.77
CA ASP D 111 10.91 -8.81 -19.63
C ASP D 111 11.67 -7.57 -19.12
N TYR D 112 11.74 -7.38 -17.79
CA TYR D 112 12.49 -6.25 -17.27
C TYR D 112 13.97 -6.50 -17.46
N VAL D 113 14.38 -7.75 -17.30
CA VAL D 113 15.79 -8.09 -17.48
C VAL D 113 16.24 -7.61 -18.85
N ASN D 114 15.50 -7.95 -19.88
CA ASN D 114 15.87 -7.53 -21.22
C ASN D 114 15.82 -6.04 -21.38
N LYS D 115 14.76 -5.41 -20.89
CA LYS D 115 14.67 -3.97 -21.04
C LYS D 115 15.83 -3.27 -20.33
N PHE D 116 16.03 -3.54 -19.06
CA PHE D 116 17.13 -2.89 -18.36
C PHE D 116 18.50 -3.24 -19.02
N ALA D 117 18.71 -4.52 -19.36
CA ALA D 117 19.97 -4.93 -19.97
C ALA D 117 20.21 -4.14 -21.27
N ASP D 118 19.15 -3.77 -21.97
CA ASP D 118 19.30 -2.99 -23.19
C ASP D 118 19.90 -1.65 -22.83
N GLU D 119 19.28 -0.99 -21.86
CA GLU D 119 19.77 0.33 -21.47
C GLU D 119 21.17 0.28 -20.89
N LEU D 120 21.57 -0.90 -20.41
CA LEU D 120 22.90 -1.06 -19.81
C LEU D 120 23.94 -1.60 -20.82
N GLY D 121 23.47 -1.91 -22.02
CA GLY D 121 24.35 -2.45 -23.03
C GLY D 121 24.93 -3.81 -22.67
N LEU D 122 24.24 -4.57 -21.83
CA LEU D 122 24.74 -5.89 -21.45
C LEU D 122 24.42 -6.99 -22.49
N SER D 123 25.30 -7.98 -22.58
CA SER D 123 25.13 -9.07 -23.56
C SER D 123 24.09 -10.11 -23.19
N GLU D 124 23.75 -10.97 -24.15
CA GLU D 124 22.78 -12.01 -23.90
C GLU D 124 23.32 -13.03 -22.93
N LYS D 125 24.62 -13.00 -22.69
CA LYS D 125 25.20 -13.94 -21.75
C LYS D 125 24.80 -13.53 -20.33
N VAL D 126 24.85 -12.23 -20.08
CA VAL D 126 24.49 -11.64 -18.79
C VAL D 126 23.00 -11.81 -18.54
N ARG D 127 22.19 -11.45 -19.53
CA ARG D 127 20.74 -11.58 -19.40
C ARG D 127 20.40 -12.97 -18.92
N ARG D 128 20.96 -13.96 -19.60
CA ARG D 128 20.76 -15.36 -19.29
C ARG D 128 21.11 -15.70 -17.85
N ARG D 129 22.30 -15.31 -17.41
CA ARG D 129 22.72 -15.62 -16.02
C ARG D 129 21.80 -14.93 -14.99
N ALA D 130 21.37 -13.71 -15.29
CA ALA D 130 20.49 -12.96 -14.39
C ALA D 130 19.09 -13.67 -14.33
N ILE D 131 18.54 -14.01 -15.49
CA ILE D 131 17.26 -14.72 -15.51
C ILE D 131 17.39 -16.02 -14.71
N GLU D 132 18.57 -16.60 -14.76
CA GLU D 132 18.86 -17.83 -14.06
C GLU D 132 18.85 -17.60 -12.55
N ILE D 133 19.48 -16.53 -12.09
CA ILE D 133 19.51 -16.20 -10.66
C ILE D 133 18.08 -15.86 -10.15
N LEU D 134 17.31 -15.11 -10.95
CA LEU D 134 15.94 -14.74 -10.56
C LEU D 134 15.08 -15.98 -10.47
N ASP D 135 15.30 -16.95 -11.38
CA ASP D 135 14.50 -18.16 -11.31
C ASP D 135 14.83 -18.95 -10.04
N GLU D 136 16.11 -18.95 -9.67
CA GLU D 136 16.51 -19.66 -8.46
C GLU D 136 16.03 -18.97 -7.19
N ALA D 137 16.00 -17.64 -7.19
CA ALA D 137 15.56 -16.89 -6.01
C ALA D 137 14.05 -17.09 -5.78
N TYR D 138 13.34 -17.27 -6.88
CA TYR D 138 11.91 -17.48 -6.82
C TYR D 138 11.65 -18.89 -6.25
N LYS D 139 12.41 -19.89 -6.71
CA LYS D 139 12.23 -21.26 -6.21
C LYS D 139 12.55 -21.34 -4.71
N ARG D 140 13.54 -20.58 -4.26
CA ARG D 140 13.92 -20.58 -2.85
C ARG D 140 13.08 -19.72 -1.89
N GLY D 141 12.09 -18.99 -2.44
CA GLY D 141 11.23 -18.16 -1.61
C GLY D 141 11.82 -16.84 -1.15
N LEU D 142 12.72 -16.24 -1.93
CA LEU D 142 13.35 -14.97 -1.55
C LEU D 142 12.75 -13.78 -2.32
N THR D 143 11.79 -14.02 -3.19
CA THR D 143 11.27 -12.90 -3.98
C THR D 143 10.04 -12.18 -3.47
N SER D 144 9.07 -12.86 -2.87
CA SER D 144 7.85 -12.21 -2.36
C SER D 144 8.09 -11.04 -1.44
N GLY D 145 7.32 -9.96 -1.64
CA GLY D 145 7.42 -8.78 -0.80
C GLY D 145 8.46 -7.77 -1.27
N LYS D 146 9.42 -8.23 -2.08
CA LYS D 146 10.49 -7.35 -2.54
C LYS D 146 10.14 -6.59 -3.81
N SER D 147 10.71 -5.42 -3.99
CA SER D 147 10.48 -4.67 -5.21
C SER D 147 11.06 -5.54 -6.37
N PRO D 148 10.21 -5.91 -7.35
CA PRO D 148 10.69 -6.73 -8.48
C PRO D 148 11.86 -6.08 -9.23
N ALA D 149 11.82 -4.75 -9.43
CA ALA D 149 12.89 -4.04 -10.13
C ALA D 149 14.17 -4.07 -9.33
N GLY D 150 14.01 -4.06 -8.00
CA GLY D 150 15.15 -4.15 -7.11
C GLY D 150 15.85 -5.50 -7.31
N LEU D 151 15.08 -6.57 -7.46
CA LEU D 151 15.66 -7.89 -7.69
C LEU D 151 16.32 -7.98 -9.08
N VAL D 152 15.68 -7.39 -10.09
CA VAL D 152 16.28 -7.42 -11.41
C VAL D 152 17.62 -6.66 -11.44
N ALA D 153 17.64 -5.51 -10.77
CA ALA D 153 18.84 -4.70 -10.72
C ALA D 153 19.99 -5.49 -10.07
N ALA D 154 19.68 -6.17 -8.97
CA ALA D 154 20.68 -6.92 -8.25
C ALA D 154 21.12 -8.17 -9.02
N ALA D 155 20.21 -8.80 -9.78
CA ALA D 155 20.60 -9.99 -10.54
C ALA D 155 21.43 -9.57 -11.75
N LEU D 156 21.14 -8.40 -12.31
CA LEU D 156 21.93 -7.94 -13.43
C LEU D 156 23.31 -7.60 -12.87
N TYR D 157 23.36 -6.93 -11.72
CA TYR D 157 24.61 -6.54 -11.12
C TYR D 157 25.48 -7.76 -10.91
N ILE D 158 24.93 -8.75 -10.22
CA ILE D 158 25.64 -9.97 -9.95
C ILE D 158 26.11 -10.63 -11.24
N ALA D 159 25.22 -10.75 -12.20
CA ALA D 159 25.59 -11.40 -13.45
C ALA D 159 26.63 -10.62 -14.24
N SER D 160 26.63 -9.29 -14.16
CA SER D 160 27.62 -8.52 -14.92
C SER D 160 29.00 -8.79 -14.35
N LEU D 161 29.10 -8.98 -13.03
CA LEU D 161 30.39 -9.29 -12.43
C LEU D 161 30.82 -10.70 -12.91
N LEU D 162 29.97 -11.68 -12.66
CA LEU D 162 30.21 -13.07 -13.04
C LEU D 162 30.57 -13.36 -14.49
N GLU D 163 30.10 -12.52 -15.42
CA GLU D 163 30.38 -12.73 -16.84
C GLU D 163 31.42 -11.76 -17.38
N GLY D 164 32.10 -11.07 -16.46
CA GLY D 164 33.14 -10.14 -16.87
C GLY D 164 32.72 -8.83 -17.49
N GLU D 165 31.42 -8.54 -17.58
CA GLU D 165 30.92 -7.28 -18.16
C GLU D 165 30.44 -6.29 -17.09
N LYS D 166 31.07 -6.31 -15.95
CA LYS D 166 30.72 -5.47 -14.83
C LYS D 166 30.03 -4.10 -15.09
N ARG D 167 29.03 -3.78 -14.24
CA ARG D 167 28.33 -2.49 -14.26
C ARG D 167 28.28 -2.13 -12.79
N THR D 168 28.16 -0.85 -12.46
CA THR D 168 28.12 -0.49 -11.05
C THR D 168 26.73 -0.54 -10.43
N GLN D 169 26.70 -0.79 -9.11
CA GLN D 169 25.48 -0.82 -8.34
C GLN D 169 24.69 0.47 -8.61
N ARG D 170 25.41 1.57 -8.76
CA ARG D 170 24.74 2.84 -9.04
C ARG D 170 24.11 2.84 -10.44
N GLU D 171 24.81 2.23 -11.40
CA GLU D 171 24.31 2.18 -12.78
C GLU D 171 23.02 1.38 -12.91
N VAL D 172 23.02 0.17 -12.36
CA VAL D 172 21.86 -0.68 -12.43
C VAL D 172 20.72 0.02 -11.69
N ALA D 173 21.02 0.63 -10.54
CA ALA D 173 20.00 1.31 -9.77
C ALA D 173 19.35 2.41 -10.59
N GLU D 174 20.18 3.18 -11.30
CA GLU D 174 19.63 4.25 -12.10
C GLU D 174 18.70 3.78 -13.22
N VAL D 175 19.02 2.68 -13.90
CA VAL D 175 18.08 2.24 -14.92
C VAL D 175 16.87 1.48 -14.36
N ALA D 176 17.00 0.82 -13.22
CA ALA D 176 15.84 0.10 -12.66
C ALA D 176 14.95 1.02 -11.82
N ARG D 177 15.44 2.23 -11.56
CA ARG D 177 14.73 3.24 -10.80
C ARG D 177 14.42 2.94 -9.31
N VAL D 178 15.41 2.38 -8.64
CA VAL D 178 15.37 2.13 -7.19
C VAL D 178 16.72 2.69 -6.67
N THR D 179 16.92 2.65 -5.36
CA THR D 179 18.16 3.18 -4.83
C THR D 179 19.24 2.11 -4.78
N GLU D 180 20.48 2.56 -4.61
CA GLU D 180 21.63 1.68 -4.57
C GLU D 180 21.55 0.86 -3.33
N VAL D 181 21.00 1.44 -2.28
CA VAL D 181 20.91 0.70 -1.05
C VAL D 181 20.02 -0.51 -1.30
N THR D 182 18.96 -0.33 -2.07
CA THR D 182 18.09 -1.47 -2.33
C THR D 182 18.80 -2.53 -3.13
N VAL D 183 19.53 -2.11 -4.15
CA VAL D 183 20.27 -3.06 -4.98
C VAL D 183 21.23 -3.79 -4.04
N ARG D 184 21.87 -3.02 -3.18
CA ARG D 184 22.83 -3.56 -2.23
C ARG D 184 22.17 -4.58 -1.29
N ASN D 185 21.03 -4.22 -0.72
CA ASN D 185 20.32 -5.16 0.15
C ASN D 185 19.98 -6.47 -0.62
N ARG D 186 19.47 -6.38 -1.84
CA ARG D 186 19.15 -7.61 -2.59
C ARG D 186 20.40 -8.39 -3.02
N TYR D 187 21.44 -7.65 -3.36
CA TYR D 187 22.69 -8.27 -3.78
C TYR D 187 23.22 -9.19 -2.69
N LYS D 188 23.44 -8.61 -1.50
CA LYS D 188 23.95 -9.38 -0.38
C LYS D 188 23.11 -10.61 -0.16
N GLU D 189 21.80 -10.40 -0.02
CA GLU D 189 20.86 -11.50 0.23
C GLU D 189 20.97 -12.60 -0.84
N LEU D 190 20.98 -12.21 -2.12
CA LEU D 190 21.08 -13.20 -3.17
C LEU D 190 22.40 -13.97 -3.15
N VAL D 191 23.50 -13.24 -2.95
CA VAL D 191 24.81 -13.86 -2.93
C VAL D 191 24.94 -14.92 -1.83
N GLU D 192 24.62 -14.57 -0.59
CA GLU D 192 24.76 -15.56 0.45
C GLU D 192 23.73 -16.68 0.50
N LYS D 193 22.49 -16.42 0.10
CA LYS D 193 21.52 -17.50 0.16
C LYS D 193 21.64 -18.48 -1.00
N LEU D 194 22.15 -18.01 -2.14
CA LEU D 194 22.32 -18.88 -3.31
C LEU D 194 23.78 -19.30 -3.45
N LYS D 195 24.60 -18.95 -2.46
CA LYS D 195 26.03 -19.25 -2.49
C LYS D 195 26.60 -18.93 -3.86
N ILE D 196 26.72 -17.64 -4.13
CA ILE D 196 27.26 -17.17 -5.39
C ILE D 196 28.65 -16.64 -5.09
N LYS D 197 29.60 -17.00 -5.93
CA LYS D 197 30.99 -16.56 -5.77
C LYS D 197 31.25 -15.42 -6.74
N VAL D 198 31.93 -14.38 -6.27
CA VAL D 198 32.19 -13.23 -7.12
C VAL D 198 33.65 -12.79 -7.21
N PRO D 199 34.13 -12.50 -8.43
CA PRO D 199 35.52 -12.06 -8.63
C PRO D 199 35.90 -10.98 -7.62
N ILE D 200 35.55 -9.74 -7.94
CA ILE D 200 35.78 -8.58 -7.08
C ILE D 200 34.48 -7.74 -7.21
N ALA D 201 34.57 -6.41 -7.16
CA ALA D 201 33.37 -5.57 -7.25
C ALA D 201 33.61 -4.23 -7.95
#